data_1OKG
#
_entry.id   1OKG
#
_cell.length_a   109.574
_cell.length_b   109.574
_cell.length_c   67.300
_cell.angle_alpha   90.00
_cell.angle_beta   90.00
_cell.angle_gamma   90.00
#
_symmetry.space_group_name_H-M   'P 42 21 2'
#
loop_
_entity.id
_entity.type
_entity.pdbx_description
1 polymer 'POSSIBLE 3-MERCAPTOPYRUVATE SULFURTRANSFERASE'
2 non-polymer 'CALCIUM ION'
3 non-polymer 'SULFITE ION'
4 water water
#
_entity_poly.entity_id   1
_entity_poly.type   'polypeptide(L)'
_entity_poly.pdbx_seq_one_letter_code
;(MSE)SAPAAAPKHPGKVFLDPSEVADHLAEYRIVDCRYSLKIKDHGSIQYAKEHVKSAIRADVDTNLSKLVPTSTARHP
LPP(CSR)AEFIDWC(MSE)ANG(MSE)AGELPVLCYDDECGA(MSE)GGCRLWW(MSE)LNSLGADAYVINGGFQACKA
AGLE(MSE)ESGEPSSLPRPATHWPFKTAFQHHYLVDEIPPQAIITDARSADRFASTVRPYAADK(MSE)PGHIEGARNL
PYTSHLVTRGDGKVLRSEEEIRHNI(MSE)TVVQGAGDAADLSSFVFS(CSS)GSGVTACINIALVHHLGLGHPYLYCGS
WSEYSGLFRPPI(MSE)RSIIDDYG(MSE)C(MSE)Q(MSE)QTPSLGDNPKANLDT(MSE)TLKVDGAP(CSS)ERPDA
EVQSAATHLHAGEAATVYFKSGRVVTIEVPVVPNLEA
;
_entity_poly.pdbx_strand_id   A
#
loop_
_chem_comp.id
_chem_comp.type
_chem_comp.name
_chem_comp.formula
CA non-polymer 'CALCIUM ION' 'Ca 2'
SO3 non-polymer 'SULFITE ION' 'O3 S -2'
#
# COMPACT_ATOMS: atom_id res chain seq x y z
N ALA A 7 30.31 -7.13 0.18
CA ALA A 7 29.30 -7.46 -0.86
C ALA A 7 28.46 -6.26 -1.36
N PRO A 8 27.69 -5.61 -0.48
CA PRO A 8 26.70 -4.62 -0.94
C PRO A 8 27.36 -3.34 -1.47
N LYS A 9 26.79 -2.76 -2.52
CA LYS A 9 27.33 -1.55 -3.14
C LYS A 9 27.34 -0.36 -2.17
N HIS A 10 26.22 -0.16 -1.45
CA HIS A 10 26.10 0.89 -0.44
C HIS A 10 25.69 0.28 0.88
N PRO A 11 26.65 -0.17 1.68
CA PRO A 11 26.35 -0.78 2.98
C PRO A 11 25.40 0.08 3.81
N GLY A 12 24.36 -0.56 4.35
CA GLY A 12 23.42 0.09 5.24
C GLY A 12 22.35 0.95 4.59
N LYS A 13 22.51 1.26 3.31
CA LYS A 13 21.50 2.06 2.63
C LYS A 13 20.42 1.21 1.97
N VAL A 14 19.26 1.83 1.76
CA VAL A 14 18.29 1.37 0.79
C VAL A 14 17.86 2.51 -0.13
N PHE A 15 17.73 3.73 0.40
CA PHE A 15 17.39 4.87 -0.45
C PHE A 15 18.63 5.54 -1.05
N LEU A 16 18.48 6.14 -2.23
CA LEU A 16 19.55 6.87 -2.92
C LEU A 16 18.95 8.02 -3.70
N ASP A 17 19.56 9.19 -3.58
CA ASP A 17 19.10 10.33 -4.35
C ASP A 17 19.59 10.18 -5.78
N PRO A 18 18.87 10.76 -6.75
CA PRO A 18 19.39 10.85 -8.12
C PRO A 18 20.84 11.35 -8.13
N SER A 19 21.13 12.42 -7.40
CA SER A 19 22.47 12.97 -7.28
C SER A 19 23.58 11.92 -7.02
N GLU A 20 23.23 10.87 -6.26
CA GLU A 20 24.19 9.81 -5.93
C GLU A 20 24.35 8.81 -7.07
N VAL A 21 23.39 8.80 -8.00
CA VAL A 21 23.36 7.80 -9.08
C VAL A 21 23.45 8.35 -10.50
N ALA A 22 23.23 9.66 -10.66
CA ALA A 22 23.02 10.29 -11.99
C ALA A 22 24.09 9.95 -13.03
N ASP A 23 25.34 9.89 -12.60
CA ASP A 23 26.47 9.62 -13.50
C ASP A 23 26.99 8.21 -13.31
N HIS A 24 26.23 7.41 -12.57
CA HIS A 24 26.55 6.01 -12.33
C HIS A 24 25.39 5.09 -12.71
N LEU A 25 24.57 5.51 -13.67
CA LEU A 25 23.36 4.78 -14.07
C LEU A 25 23.62 3.36 -14.56
N ALA A 26 24.57 3.21 -15.48
CA ALA A 26 24.94 1.91 -16.05
C ALA A 26 25.25 0.84 -14.99
N GLU A 27 25.67 1.30 -13.81
CA GLU A 27 26.04 0.42 -12.69
C GLU A 27 24.87 -0.30 -12.01
N TYR A 28 23.63 0.03 -12.40
CA TYR A 28 22.45 -0.57 -11.79
C TYR A 28 21.61 -1.27 -12.82
N ARG A 29 20.89 -2.31 -12.40
CA ARG A 29 19.73 -2.79 -13.13
C ARG A 29 18.53 -2.01 -12.60
N ILE A 30 17.91 -1.22 -13.47
CA ILE A 30 16.88 -0.27 -13.04
C ILE A 30 15.49 -0.80 -13.29
N VAL A 31 14.63 -0.69 -12.27
CA VAL A 31 13.29 -1.22 -12.38
C VAL A 31 12.21 -0.20 -12.00
N ASP A 32 11.27 -0.02 -12.93
CA ASP A 32 10.18 0.93 -12.85
C ASP A 32 8.98 0.20 -12.23
N CYS A 33 8.68 0.52 -10.98
CA CYS A 33 7.62 -0.16 -10.23
C CYS A 33 6.37 0.67 -10.09
N ARG A 34 6.16 1.61 -11.02
CA ARG A 34 5.03 2.51 -10.94
C ARG A 34 3.72 1.75 -10.94
N TYR A 35 2.84 2.18 -10.04
CA TYR A 35 1.57 1.51 -9.82
C TYR A 35 0.58 2.53 -9.25
N SER A 36 -0.69 2.35 -9.60
CA SER A 36 -1.77 3.14 -9.02
C SER A 36 -2.86 2.21 -8.54
N LEU A 37 -3.41 2.51 -7.37
CA LEU A 37 -4.45 1.67 -6.76
C LEU A 37 -5.78 1.83 -7.50
N LYS A 38 -5.93 2.92 -8.22
CA LYS A 38 -7.19 3.27 -8.86
C LYS A 38 -7.13 3.28 -10.40
N ILE A 39 -6.05 3.82 -10.95
CA ILE A 39 -5.89 3.97 -12.40
C ILE A 39 -5.59 2.65 -13.12
N LYS A 40 -6.51 2.23 -13.96
CA LYS A 40 -6.35 1.04 -14.79
C LYS A 40 -5.07 1.15 -15.64
N ASP A 41 -4.28 0.07 -15.61
CA ASP A 41 -3.10 -0.09 -16.45
C ASP A 41 -2.06 1.02 -16.32
N HIS A 42 -2.19 1.81 -15.27
CA HIS A 42 -1.19 2.82 -14.91
C HIS A 42 0.18 2.17 -14.81
N GLY A 43 1.25 2.95 -15.00
CA GLY A 43 2.58 2.38 -14.91
C GLY A 43 3.00 1.66 -16.17
N SER A 44 2.11 0.87 -16.76
CA SER A 44 2.32 0.31 -18.10
C SER A 44 1.97 1.35 -19.15
N ILE A 45 0.95 2.16 -18.82
CA ILE A 45 0.61 3.33 -19.62
C ILE A 45 1.66 4.43 -19.45
N GLN A 46 2.18 4.61 -18.23
CA GLN A 46 3.17 5.65 -17.96
C GLN A 46 4.60 5.26 -18.36
N TYR A 47 4.94 3.97 -18.24
CA TYR A 47 6.18 3.42 -18.79
C TYR A 47 5.92 3.11 -20.26
N ALA A 48 6.08 4.13 -21.09
CA ALA A 48 5.79 4.10 -22.51
C ALA A 48 5.82 5.55 -22.94
N LYS A 49 5.03 6.37 -22.24
CA LYS A 49 5.09 7.82 -22.35
C LYS A 49 6.52 8.31 -22.10
N GLU A 50 7.10 7.88 -20.98
CA GLU A 50 8.46 8.24 -20.59
C GLU A 50 8.91 7.36 -19.43
N HIS A 51 10.16 6.95 -19.45
CA HIS A 51 10.78 6.24 -18.32
C HIS A 51 12.28 6.50 -18.30
N VAL A 52 12.91 6.19 -17.17
CA VAL A 52 14.37 6.33 -17.03
C VAL A 52 15.06 5.41 -18.05
N LYS A 53 16.14 5.92 -18.65
CA LYS A 53 16.85 5.18 -19.70
C LYS A 53 17.46 3.90 -19.15
N SER A 54 17.30 2.82 -19.91
CA SER A 54 17.80 1.48 -19.57
C SER A 54 16.97 0.75 -18.50
N ALA A 55 15.81 1.31 -18.17
CA ALA A 55 14.95 0.72 -17.15
C ALA A 55 13.97 -0.29 -17.71
N ILE A 56 13.87 -1.42 -17.02
CA ILE A 56 12.79 -2.38 -17.27
C ILE A 56 11.69 -2.10 -16.26
N ARG A 57 10.56 -2.76 -16.40
CA ARG A 57 9.42 -2.45 -15.55
C ARG A 57 8.83 -3.65 -14.80
N ALA A 58 8.48 -3.41 -13.53
CA ALA A 58 7.86 -4.42 -12.68
C ALA A 58 6.38 -4.12 -12.51
N ASP A 59 5.56 -5.16 -12.60
CA ASP A 59 4.14 -4.98 -12.38
C ASP A 59 3.73 -5.41 -10.98
N VAL A 60 3.30 -4.44 -10.18
CA VAL A 60 2.92 -4.71 -8.79
C VAL A 60 1.90 -5.86 -8.72
N ASP A 61 0.91 -5.83 -9.61
CA ASP A 61 -0.16 -6.81 -9.57
C ASP A 61 0.20 -8.18 -10.10
N THR A 62 1.10 -8.23 -11.09
CA THR A 62 1.33 -9.52 -11.76
C THR A 62 2.72 -10.08 -11.55
N ASN A 63 3.68 -9.20 -11.28
CA ASN A 63 5.04 -9.62 -10.94
C ASN A 63 5.33 -9.63 -9.43
N LEU A 64 4.93 -8.58 -8.72
CA LEU A 64 5.29 -8.47 -7.29
C LEU A 64 4.29 -9.15 -6.35
N SER A 65 3.18 -9.62 -6.92
CA SER A 65 2.18 -10.35 -6.16
C SER A 65 1.49 -11.37 -7.03
N LYS A 66 0.74 -12.27 -6.41
CA LYS A 66 -0.13 -13.19 -7.13
C LYS A 66 -1.42 -13.43 -6.35
N LEU A 67 -2.47 -12.75 -6.78
CA LEU A 67 -3.82 -12.97 -6.27
C LEU A 67 -4.17 -14.45 -6.15
N VAL A 68 -4.77 -14.82 -5.03
CA VAL A 68 -5.25 -16.20 -4.84
C VAL A 68 -6.78 -16.19 -4.61
N PRO A 69 -7.50 -17.16 -5.19
CA PRO A 69 -8.97 -17.22 -5.06
C PRO A 69 -9.41 -17.36 -3.62
N THR A 70 -8.61 -18.11 -2.85
CA THR A 70 -8.92 -18.45 -1.47
C THR A 70 -8.34 -17.45 -0.44
N SER A 71 -8.13 -16.20 -0.88
CA SER A 71 -7.61 -15.15 0.01
C SER A 71 -8.09 -13.76 -0.38
N THR A 72 -8.60 -13.02 0.61
CA THR A 72 -8.91 -11.59 0.43
C THR A 72 -7.65 -10.70 0.38
N ALA A 73 -6.46 -11.27 0.58
CA ALA A 73 -5.22 -10.49 0.47
C ALA A 73 -5.22 -9.77 -0.87
N ARG A 74 -4.93 -8.46 -0.90
CA ARG A 74 -4.98 -7.70 -2.15
C ARG A 74 -3.66 -7.76 -2.93
N HIS A 75 -2.53 -7.84 -2.24
CA HIS A 75 -1.23 -8.00 -2.89
C HIS A 75 -0.39 -9.01 -2.13
N PRO A 76 -0.83 -10.27 -2.08
CA PRO A 76 -0.04 -11.30 -1.40
C PRO A 76 1.23 -11.61 -2.16
N LEU A 77 2.27 -12.06 -1.46
CA LEU A 77 3.50 -12.48 -2.12
C LEU A 77 3.18 -13.53 -3.20
N PRO A 78 3.88 -13.46 -4.34
CA PRO A 78 3.78 -14.49 -5.37
C PRO A 78 4.56 -15.73 -4.92
N PRO A 79 4.34 -16.92 -5.48
CA PRO A 79 5.23 -18.05 -5.20
C PRO A 79 6.64 -17.60 -5.54
N CSR A 80 7.61 -17.90 -4.66
CA CSR A 80 8.99 -17.45 -4.80
CB CSR A 80 9.82 -17.67 -3.54
CB CSR A 80 9.77 -18.23 -3.77
SG CSR A 80 9.79 -19.33 -2.96
SG CSR A 80 10.25 -17.16 -2.48
AS CSR A 80 8.33 -19.14 -1.28
AS CSR A 80 8.90 -18.10 -0.98
O1 CSR A 80 6.73 -18.72 -1.91
O1 CSR A 80 7.25 -17.94 -1.59
O2 CSR A 80 8.30 -20.67 -0.39
O2 CSR A 80 9.27 -19.81 -0.81
O3 CSR A 80 8.94 -17.91 -0.16
O3 CSR A 80 9.07 -17.29 0.58
C CSR A 80 9.66 -17.92 -6.08
O CSR A 80 10.48 -17.21 -6.64
N ALA A 81 9.29 -19.12 -6.52
CA ALA A 81 9.87 -19.75 -7.71
C ALA A 81 9.47 -18.99 -8.96
N GLU A 82 8.21 -18.53 -8.96
CA GLU A 82 7.70 -17.68 -10.02
C GLU A 82 8.35 -16.30 -10.05
N PHE A 83 8.48 -15.66 -8.90
CA PHE A 83 9.19 -14.36 -8.84
C PHE A 83 10.66 -14.45 -9.27
N ILE A 84 11.37 -15.47 -8.81
CA ILE A 84 12.80 -15.64 -9.16
C ILE A 84 12.95 -15.91 -10.66
N ASP A 85 12.09 -16.77 -11.19
CA ASP A 85 12.02 -17.00 -12.63
C ASP A 85 11.94 -15.66 -13.38
N TRP A 86 10.99 -14.82 -12.99
CA TRP A 86 10.81 -13.49 -13.58
C TRP A 86 12.05 -12.60 -13.41
N CYS A 87 12.70 -12.69 -12.25
CA CYS A 87 13.92 -11.92 -11.98
C CYS A 87 15.05 -12.30 -12.94
N MSE A 88 15.26 -13.60 -13.10
CA MSE A 88 16.32 -14.11 -13.95
C MSE A 88 16.06 -13.75 -15.40
O MSE A 88 16.94 -13.27 -16.09
CB MSE A 88 16.48 -15.60 -13.73
CG MSE A 88 16.95 -15.91 -12.34
SE MSE A 88 16.99 -17.75 -11.94
CE MSE A 88 18.56 -18.23 -13.04
N ALA A 89 14.81 -13.93 -15.82
CA ALA A 89 14.40 -13.55 -17.17
C ALA A 89 14.71 -12.08 -17.47
N ASN A 90 14.82 -11.26 -16.43
CA ASN A 90 15.06 -9.82 -16.62
C ASN A 90 16.45 -9.36 -16.14
N GLY A 91 17.36 -10.31 -15.92
CA GLY A 91 18.71 -9.98 -15.51
C GLY A 91 18.86 -9.38 -14.12
N MSE A 92 17.92 -9.73 -13.24
CA MSE A 92 17.95 -9.26 -11.86
C MSE A 92 18.47 -10.39 -10.99
O MSE A 92 17.75 -10.92 -10.14
CB MSE A 92 16.56 -8.81 -11.43
CG MSE A 92 16.05 -7.63 -12.21
SE MSE A 92 14.13 -7.46 -12.20
CE MSE A 92 13.58 -9.09 -12.91
N ALA A 93 19.72 -10.76 -11.22
CA ALA A 93 20.26 -11.94 -10.56
C ALA A 93 21.66 -11.70 -10.00
N GLY A 94 21.99 -10.43 -9.77
CA GLY A 94 23.18 -10.08 -9.04
C GLY A 94 24.46 -9.73 -9.80
N GLU A 95 24.37 -9.52 -11.11
CA GLU A 95 25.51 -8.96 -11.85
C GLU A 95 25.63 -7.47 -11.52
N LEU A 96 24.48 -6.79 -11.52
CA LEU A 96 24.37 -5.42 -11.02
C LEU A 96 23.36 -5.34 -9.85
N PRO A 97 23.51 -4.34 -8.98
CA PRO A 97 22.49 -4.05 -7.96
C PRO A 97 21.22 -3.53 -8.61
N VAL A 98 20.07 -3.85 -8.05
CA VAL A 98 18.81 -3.34 -8.59
C VAL A 98 18.55 -1.94 -8.01
N LEU A 99 18.06 -1.05 -8.86
CA LEU A 99 17.65 0.29 -8.46
C LEU A 99 16.18 0.44 -8.80
N CYS A 100 15.32 0.46 -7.78
CA CYS A 100 13.89 0.52 -8.01
C CYS A 100 13.39 1.95 -7.90
N TYR A 101 12.35 2.27 -8.65
CA TYR A 101 11.66 3.53 -8.46
C TYR A 101 10.18 3.36 -8.76
N ASP A 102 9.37 4.24 -8.16
CA ASP A 102 7.97 4.39 -8.53
C ASP A 102 7.61 5.88 -8.54
N ASP A 103 6.33 6.23 -8.49
CA ASP A 103 5.97 7.64 -8.47
C ASP A 103 5.27 8.10 -7.17
N GLU A 104 5.62 7.47 -6.05
CA GLU A 104 5.22 7.91 -4.72
C GLU A 104 6.35 7.57 -3.75
N CYS A 105 7.56 8.00 -4.13
CA CYS A 105 8.75 7.94 -3.27
C CYS A 105 9.09 6.57 -2.67
N GLY A 106 8.75 5.50 -3.40
CA GLY A 106 9.05 4.15 -2.95
C GLY A 106 7.87 3.46 -2.26
N ALA A 107 6.88 4.26 -1.87
CA ALA A 107 5.75 3.79 -1.06
C ALA A 107 4.74 2.95 -1.84
N MSE A 108 4.78 3.06 -3.18
CA MSE A 108 3.71 2.51 -4.02
C MSE A 108 4.30 1.63 -5.13
O MSE A 108 3.97 1.78 -6.32
CB MSE A 108 2.85 3.67 -4.58
CG MSE A 108 1.50 3.26 -5.18
SE MSE A 108 0.40 2.17 -3.97
CE MSE A 108 0.18 3.45 -2.50
N GLY A 109 5.19 0.71 -4.73
CA GLY A 109 5.74 -0.27 -5.65
C GLY A 109 7.22 -0.51 -5.48
N GLY A 110 7.97 0.59 -5.34
CA GLY A 110 9.42 0.53 -5.30
C GLY A 110 10.02 -0.24 -4.13
N CYS A 111 9.68 0.17 -2.90
CA CYS A 111 10.13 -0.50 -1.69
C CYS A 111 9.62 -1.94 -1.59
N ARG A 112 8.45 -2.20 -2.16
CA ARG A 112 7.96 -3.59 -2.25
C ARG A 112 8.95 -4.48 -3.04
N LEU A 113 9.37 -4.04 -4.23
CA LEU A 113 10.38 -4.81 -4.98
C LEU A 113 11.64 -4.91 -4.17
N TRP A 114 12.12 -3.76 -3.68
CA TRP A 114 13.27 -3.75 -2.80
C TRP A 114 13.09 -4.79 -1.72
N TRP A 115 11.95 -4.76 -1.00
CA TRP A 115 11.76 -5.71 0.12
C TRP A 115 12.00 -7.14 -0.35
N MSE A 116 11.46 -7.47 -1.50
CA MSE A 116 11.49 -8.86 -2.00
C MSE A 116 12.88 -9.32 -2.38
O MSE A 116 13.31 -10.40 -1.97
CB MSE A 116 10.51 -8.99 -3.16
CG MSE A 116 9.05 -8.94 -2.69
SE MSE A 116 7.84 -8.62 -4.15
CE MSE A 116 7.76 -10.44 -4.82
N LEU A 117 13.59 -8.49 -3.14
CA LEU A 117 14.98 -8.76 -3.52
C LEU A 117 15.86 -8.86 -2.29
N ASN A 118 15.73 -7.89 -1.39
CA ASN A 118 16.50 -7.91 -0.16
C ASN A 118 16.21 -9.15 0.69
N SER A 119 14.95 -9.60 0.73
CA SER A 119 14.63 -10.78 1.57
C SER A 119 15.28 -12.04 1.05
N LEU A 120 15.67 -12.02 -0.22
CA LEU A 120 16.34 -13.12 -0.88
C LEU A 120 17.87 -13.04 -0.75
N GLY A 121 18.38 -11.90 -0.30
CA GLY A 121 19.81 -11.74 -0.13
C GLY A 121 20.45 -10.98 -1.27
N ALA A 122 19.63 -10.46 -2.18
CA ALA A 122 20.11 -9.66 -3.30
C ALA A 122 20.35 -8.19 -2.91
N ASP A 123 21.11 -7.50 -3.74
CA ASP A 123 21.48 -6.10 -3.51
C ASP A 123 20.52 -5.21 -4.25
N ALA A 124 19.76 -4.39 -3.51
CA ALA A 124 18.79 -3.46 -4.12
C ALA A 124 18.66 -2.17 -3.33
N TYR A 125 18.16 -1.14 -4.01
CA TYR A 125 18.08 0.21 -3.48
C TYR A 125 16.87 0.84 -4.12
N VAL A 126 16.40 1.95 -3.55
CA VAL A 126 15.25 2.67 -4.07
C VAL A 126 15.61 4.14 -4.24
N ILE A 127 15.05 4.79 -5.24
CA ILE A 127 15.38 6.18 -5.49
C ILE A 127 14.47 7.08 -4.66
N ASN A 128 15.09 7.91 -3.81
CA ASN A 128 14.40 9.00 -3.15
C ASN A 128 13.74 9.93 -4.19
N GLY A 129 12.41 10.05 -4.10
CA GLY A 129 11.67 10.96 -4.95
C GLY A 129 10.99 10.35 -6.15
N GLY A 130 11.28 9.09 -6.47
CA GLY A 130 10.60 8.39 -7.55
C GLY A 130 10.84 8.92 -8.96
N PHE A 131 9.90 8.65 -9.85
CA PHE A 131 10.02 9.06 -11.26
C PHE A 131 10.01 10.59 -11.44
N GLN A 132 9.18 11.28 -10.64
CA GLN A 132 9.09 12.74 -10.70
C GLN A 132 10.43 13.39 -10.35
N ALA A 133 11.09 12.87 -9.32
CA ALA A 133 12.44 13.34 -8.97
C ALA A 133 13.49 12.73 -9.88
N CYS A 134 13.04 12.03 -10.92
CA CYS A 134 13.94 11.59 -11.96
C CYS A 134 13.84 12.56 -13.15
N LYS A 135 12.61 12.84 -13.59
CA LYS A 135 12.35 13.88 -14.58
C LYS A 135 12.95 15.22 -14.14
N ALA A 136 12.67 15.62 -12.90
CA ALA A 136 13.08 16.92 -12.36
C ALA A 136 14.55 17.00 -11.92
N ALA A 137 15.35 16.03 -12.35
CA ALA A 137 16.78 16.02 -12.06
C ALA A 137 17.62 15.86 -13.32
N GLY A 138 16.92 15.78 -14.47
CA GLY A 138 17.56 15.68 -15.76
C GLY A 138 18.25 14.34 -16.04
N LEU A 139 17.55 13.24 -15.73
CA LEU A 139 18.05 11.91 -16.04
C LEU A 139 17.60 11.48 -17.43
N GLU A 140 18.45 10.72 -18.12
CA GLU A 140 18.19 10.29 -19.49
C GLU A 140 16.89 9.49 -19.54
N MSE A 141 16.06 9.78 -20.55
CA MSE A 141 14.75 9.15 -20.66
C MSE A 141 14.57 8.41 -21.98
O MSE A 141 15.25 8.71 -22.97
CB MSE A 141 13.64 10.19 -20.47
CG MSE A 141 13.63 10.89 -19.11
SE MSE A 141 12.96 9.79 -17.63
CE MSE A 141 14.00 10.57 -16.16
N GLU A 142 13.67 7.44 -21.98
CA GLU A 142 13.31 6.69 -23.18
C GLU A 142 11.80 6.49 -23.20
N SER A 143 11.29 6.00 -24.33
CA SER A 143 9.85 5.81 -24.49
C SER A 143 9.50 4.45 -25.11
N GLY A 144 8.21 4.14 -25.14
CA GLY A 144 7.68 2.92 -25.73
C GLY A 144 8.32 1.64 -25.21
N GLU A 145 8.00 0.53 -25.86
CA GLU A 145 8.66 -0.73 -25.58
C GLU A 145 10.09 -0.66 -26.11
N PRO A 146 11.08 -0.79 -25.23
CA PRO A 146 12.47 -0.92 -25.68
C PRO A 146 12.62 -2.28 -26.33
N SER A 147 13.23 -2.31 -27.51
CA SER A 147 13.50 -3.57 -28.18
C SER A 147 15.00 -3.70 -28.40
N SER A 148 15.72 -3.71 -27.27
CA SER A 148 17.17 -3.84 -27.27
C SER A 148 17.67 -4.91 -26.29
N LEU A 149 17.95 -4.53 -25.03
CA LEU A 149 18.78 -5.37 -24.15
C LEU A 149 18.21 -5.71 -22.75
N PRO A 150 17.34 -6.73 -22.68
CA PRO A 150 17.02 -7.35 -21.38
C PRO A 150 18.21 -8.15 -20.78
N ARG A 151 18.51 -9.32 -21.35
CA ARG A 151 19.66 -10.18 -20.98
C ARG A 151 19.40 -11.19 -19.83
N PRO A 152 18.81 -12.34 -20.17
CA PRO A 152 18.41 -13.33 -19.17
C PRO A 152 19.59 -13.88 -18.37
N ALA A 153 19.34 -14.16 -17.09
CA ALA A 153 20.33 -14.84 -16.26
C ALA A 153 19.96 -16.31 -16.17
N THR A 154 20.96 -17.16 -15.95
CA THR A 154 20.76 -18.61 -15.96
C THR A 154 21.26 -19.27 -14.70
N HIS A 155 21.91 -18.50 -13.81
CA HIS A 155 22.28 -18.98 -12.48
C HIS A 155 21.68 -18.11 -11.37
N TRP A 156 21.29 -18.74 -10.26
CA TRP A 156 20.71 -18.01 -9.12
C TRP A 156 21.53 -18.15 -7.85
N PRO A 157 22.22 -17.09 -7.45
CA PRO A 157 23.16 -17.13 -6.31
C PRO A 157 22.52 -16.79 -4.95
N PHE A 158 21.24 -16.46 -4.94
CA PHE A 158 20.59 -15.91 -3.75
C PHE A 158 19.69 -16.94 -3.06
N LYS A 159 18.97 -16.55 -2.01
CA LYS A 159 18.10 -17.50 -1.35
C LYS A 159 16.91 -17.85 -2.24
N THR A 160 16.26 -18.95 -1.92
CA THR A 160 15.15 -19.53 -2.68
C THR A 160 13.76 -19.25 -2.08
N ALA A 161 13.70 -18.84 -0.82
CA ALA A 161 12.42 -18.45 -0.19
C ALA A 161 12.55 -17.08 0.45
N PHE A 162 11.48 -16.27 0.40
CA PHE A 162 11.48 -14.95 1.04
C PHE A 162 11.74 -15.07 2.55
N GLN A 163 12.61 -14.21 3.09
CA GLN A 163 12.97 -14.27 4.50
C GLN A 163 12.35 -13.16 5.34
N HIS A 164 12.24 -13.42 6.64
CA HIS A 164 11.81 -12.44 7.63
C HIS A 164 10.42 -11.85 7.30
N HIS A 165 9.46 -12.75 7.10
CA HIS A 165 8.05 -12.36 7.00
C HIS A 165 7.19 -13.43 7.66
N TYR A 166 6.05 -13.01 8.22
CA TYR A 166 5.12 -13.95 8.84
C TYR A 166 3.86 -14.01 8.00
N LEU A 167 3.41 -15.23 7.73
CA LEU A 167 2.01 -15.47 7.35
C LEU A 167 1.12 -15.22 8.57
N VAL A 168 -0.17 -14.99 8.35
CA VAL A 168 -1.09 -14.65 9.45
C VAL A 168 -0.93 -15.49 10.69
N ASP A 169 -0.92 -16.80 10.55
CA ASP A 169 -0.97 -17.65 11.74
C ASP A 169 0.37 -17.71 12.45
N GLU A 170 1.42 -17.22 11.79
CA GLU A 170 2.76 -17.23 12.37
C GLU A 170 3.02 -16.01 13.24
N ILE A 171 2.21 -14.96 13.08
CA ILE A 171 2.39 -13.76 13.89
C ILE A 171 2.17 -14.17 15.33
N PRO A 172 3.17 -13.95 16.17
CA PRO A 172 3.04 -14.26 17.60
C PRO A 172 1.85 -13.49 18.18
N PRO A 173 1.11 -14.08 19.12
CA PRO A 173 -0.06 -13.44 19.71
C PRO A 173 0.23 -12.06 20.28
N GLN A 174 1.42 -11.85 20.82
CA GLN A 174 1.66 -10.51 21.31
C GLN A 174 2.84 -9.78 20.64
N ALA A 175 3.03 -10.08 19.35
CA ALA A 175 3.93 -9.30 18.50
C ALA A 175 3.44 -7.85 18.49
N ILE A 176 4.39 -6.92 18.44
CA ILE A 176 4.12 -5.53 18.20
C ILE A 176 3.93 -5.34 16.70
N ILE A 177 2.79 -4.77 16.33
CA ILE A 177 2.41 -4.61 14.93
C ILE A 177 2.29 -3.13 14.67
N THR A 178 2.80 -2.66 13.52
CA THR A 178 2.52 -1.31 13.08
C THR A 178 1.68 -1.35 11.80
N ASP A 179 1.01 -0.25 11.52
CA ASP A 179 0.09 -0.16 10.42
C ASP A 179 0.42 1.13 9.68
N ALA A 180 0.77 1.01 8.40
CA ALA A 180 1.28 2.12 7.60
C ALA A 180 0.17 2.92 6.95
N ARG A 181 -1.07 2.43 7.05
CA ARG A 181 -2.21 3.11 6.42
C ARG A 181 -2.42 4.50 7.00
N SER A 182 -3.11 5.34 6.23
CA SER A 182 -3.55 6.64 6.70
C SER A 182 -4.37 6.56 8.02
N ALA A 183 -4.26 7.62 8.81
CA ALA A 183 -4.97 7.75 10.07
C ALA A 183 -6.49 7.60 9.92
N ASP A 184 -7.04 8.14 8.84
CA ASP A 184 -8.48 8.02 8.48
C ASP A 184 -8.91 6.56 8.39
N ARG A 185 -8.09 5.74 7.72
CA ARG A 185 -8.31 4.30 7.59
C ARG A 185 -8.12 3.59 8.95
N PHE A 186 -7.00 3.86 9.59
CA PHE A 186 -6.67 3.27 10.87
C PHE A 186 -7.78 3.50 11.92
N ALA A 187 -8.25 4.76 11.99
CA ALA A 187 -9.17 5.22 13.01
C ALA A 187 -10.65 5.05 12.63
N SER A 188 -10.91 4.39 11.49
CA SER A 188 -12.29 4.19 11.02
C SER A 188 -13.07 3.37 12.03
N THR A 189 -14.35 3.72 12.22
CA THR A 189 -15.17 3.06 13.23
C THR A 189 -16.20 2.09 12.64
N VAL A 190 -17.24 2.65 12.01
CA VAL A 190 -18.39 1.85 11.55
C VAL A 190 -18.34 1.58 10.05
N ARG A 191 -17.53 2.37 9.33
CA ARG A 191 -17.36 2.21 7.88
C ARG A 191 -15.91 2.43 7.45
N PRO A 192 -15.44 1.70 6.44
CA PRO A 192 -14.04 1.82 6.01
C PRO A 192 -13.82 2.98 5.04
N TYR A 193 -12.56 3.31 4.75
CA TYR A 193 -12.25 4.25 3.69
C TYR A 193 -11.32 3.64 2.68
N ALA A 194 -11.17 4.34 1.55
CA ALA A 194 -10.27 3.94 0.48
C ALA A 194 -10.52 2.49 0.10
N ALA A 195 -9.45 1.70 -0.02
CA ALA A 195 -9.60 0.31 -0.48
C ALA A 195 -10.09 -0.67 0.58
N ASP A 196 -10.22 -0.27 1.84
CA ASP A 196 -10.52 -1.27 2.88
C ASP A 196 -11.96 -1.77 2.80
N LYS A 197 -12.15 -3.05 3.10
CA LYS A 197 -13.49 -3.62 3.16
C LYS A 197 -14.06 -3.63 4.56
N MSE A 198 -13.17 -3.51 5.53
CA MSE A 198 -13.54 -3.55 6.94
C MSE A 198 -12.97 -2.34 7.69
O MSE A 198 -11.80 -1.99 7.49
CB MSE A 198 -12.96 -4.84 7.56
CG MSE A 198 -13.44 -5.09 8.94
SE MSE A 198 -15.36 -5.53 8.92
CE MSE A 198 -15.36 -6.81 7.45
N PRO A 199 -13.76 -1.71 8.56
CA PRO A 199 -13.26 -0.59 9.35
C PRO A 199 -12.31 -1.13 10.44
N GLY A 200 -11.50 -0.26 11.04
CA GLY A 200 -10.59 -0.63 12.11
C GLY A 200 -9.20 -1.11 11.70
N HIS A 201 -8.54 -1.77 12.63
CA HIS A 201 -7.20 -2.25 12.42
C HIS A 201 -7.00 -3.48 13.28
N ILE A 202 -5.87 -4.14 13.08
CA ILE A 202 -5.47 -5.22 13.96
C ILE A 202 -5.33 -4.66 15.39
N GLU A 203 -5.96 -5.34 16.35
CA GLU A 203 -6.00 -4.82 17.71
C GLU A 203 -4.59 -4.68 18.27
N GLY A 204 -4.31 -3.54 18.88
CA GLY A 204 -2.99 -3.30 19.44
C GLY A 204 -2.01 -2.66 18.47
N ALA A 205 -2.37 -2.65 17.18
CA ALA A 205 -1.49 -2.08 16.17
C ALA A 205 -1.19 -0.61 16.40
N ARG A 206 0.04 -0.21 16.07
CA ARG A 206 0.44 1.19 16.16
C ARG A 206 0.49 1.74 14.76
N ASN A 207 -0.22 2.84 14.56
CA ASN A 207 -0.33 3.52 13.29
C ASN A 207 0.91 4.36 13.03
N LEU A 208 1.55 4.10 11.90
CA LEU A 208 2.64 4.93 11.39
C LEU A 208 2.31 5.25 9.94
N PRO A 209 1.47 6.24 9.71
CA PRO A 209 1.05 6.55 8.34
C PRO A 209 2.29 6.86 7.51
N TYR A 210 2.48 6.13 6.41
CA TYR A 210 3.70 6.26 5.62
C TYR A 210 3.83 7.66 5.02
N THR A 211 2.69 8.32 4.76
CA THR A 211 2.71 9.67 4.21
C THR A 211 3.46 10.66 5.10
N SER A 212 3.50 10.34 6.40
CA SER A 212 4.18 11.17 7.37
C SER A 212 5.66 11.41 7.06
N HIS A 213 6.29 10.49 6.34
CA HIS A 213 7.72 10.59 6.02
C HIS A 213 8.00 11.39 4.74
N LEU A 214 6.93 11.87 4.11
CA LEU A 214 7.01 12.42 2.75
C LEU A 214 6.56 13.88 2.69
N VAL A 215 7.22 14.66 1.82
CA VAL A 215 6.92 16.07 1.53
C VAL A 215 6.82 16.27 0.02
N THR A 216 5.85 17.05 -0.44
CA THR A 216 5.56 17.13 -1.88
C THR A 216 6.36 18.15 -2.71
N ARG A 217 7.70 18.01 -2.69
CA ARG A 217 8.62 18.87 -3.45
C ARG A 217 8.51 18.71 -4.98
N GLY A 218 7.91 19.72 -5.64
CA GLY A 218 7.68 19.67 -7.07
C GLY A 218 6.26 19.23 -7.37
N ASP A 219 6.11 18.25 -8.25
CA ASP A 219 4.83 17.54 -8.39
C ASP A 219 4.96 16.05 -8.02
N GLY A 220 5.67 15.81 -6.91
CA GLY A 220 5.86 14.48 -6.36
C GLY A 220 6.44 14.53 -4.97
N LYS A 221 6.16 13.51 -4.17
CA LYS A 221 6.71 13.48 -2.82
C LYS A 221 8.14 13.03 -2.88
N VAL A 222 8.94 13.61 -2.00
CA VAL A 222 10.31 13.22 -1.77
C VAL A 222 10.30 12.89 -0.28
N LEU A 223 11.38 12.30 0.24
CA LEU A 223 11.46 12.06 1.67
C LEU A 223 11.65 13.36 2.44
N ARG A 224 10.99 13.44 3.60
CA ARG A 224 11.32 14.45 4.60
C ARG A 224 12.75 14.14 5.03
N SER A 225 13.31 15.01 5.86
CA SER A 225 14.68 14.86 6.35
C SER A 225 14.81 13.61 7.22
N GLU A 226 16.05 13.20 7.46
CA GLU A 226 16.36 11.99 8.23
C GLU A 226 15.92 12.10 9.69
N GLU A 227 16.12 13.28 10.28
CA GLU A 227 15.71 13.44 11.67
C GLU A 227 14.19 13.44 11.82
N GLU A 228 13.52 14.04 10.85
CA GLU A 228 12.06 14.04 10.74
C GLU A 228 11.53 12.60 10.66
N ILE A 229 12.15 11.77 9.81
CA ILE A 229 11.72 10.40 9.63
C ILE A 229 12.00 9.59 10.89
N ARG A 230 13.14 9.87 11.53
CA ARG A 230 13.46 9.25 12.82
C ARG A 230 12.43 9.62 13.90
N HIS A 231 12.03 10.88 13.91
CA HIS A 231 11.01 11.36 14.84
C HIS A 231 9.69 10.62 14.55
N ASN A 232 9.33 10.54 13.27
CA ASN A 232 8.14 9.74 12.85
C ASN A 232 8.19 8.32 13.41
N ILE A 233 9.31 7.64 13.19
CA ILE A 233 9.44 6.23 13.60
C ILE A 233 9.33 6.09 15.08
N MSE A 234 9.88 7.06 15.82
CA MSE A 234 9.86 7.03 17.28
C MSE A 234 8.44 7.08 17.89
O MSE A 234 8.21 6.56 18.97
CB MSE A 234 10.79 8.09 17.88
CG MSE A 234 12.30 7.82 17.69
SE MSE A 234 12.91 6.01 18.18
CE MSE A 234 13.34 5.31 16.48
N THR A 235 7.48 7.68 17.18
CA THR A 235 6.10 7.71 17.68
C THR A 235 5.47 6.33 17.86
N VAL A 236 6.07 5.29 17.28
CA VAL A 236 5.57 3.92 17.46
C VAL A 236 6.48 3.02 18.31
N VAL A 237 7.51 3.63 18.91
CA VAL A 237 8.42 2.93 19.82
C VAL A 237 8.25 3.49 21.22
N GLN A 238 7.95 2.62 22.19
CA GLN A 238 7.77 2.99 23.62
C GLN A 238 6.48 2.40 24.22
N ALA A 244 15.03 0.97 19.98
CA ALA A 244 16.10 1.27 19.04
C ALA A 244 16.30 0.17 17.98
N ASP A 245 15.88 -1.07 18.29
CA ASP A 245 15.95 -2.15 17.31
C ASP A 245 14.59 -2.83 17.09
N LEU A 246 13.96 -2.49 15.96
CA LEU A 246 12.60 -2.90 15.67
C LEU A 246 12.50 -4.17 14.80
N SER A 247 13.54 -5.01 14.81
CA SER A 247 13.62 -6.14 13.88
C SER A 247 12.53 -7.17 14.16
N SER A 248 12.05 -7.18 15.39
CA SER A 248 11.01 -8.12 15.76
C SER A 248 9.58 -7.57 15.70
N PHE A 249 9.44 -6.28 15.39
CA PHE A 249 8.13 -5.68 15.10
C PHE A 249 7.60 -6.29 13.79
N VAL A 250 6.29 -6.19 13.61
CA VAL A 250 5.65 -6.76 12.44
C VAL A 250 5.01 -5.60 11.73
N PHE A 251 5.55 -5.28 10.56
CA PHE A 251 5.10 -4.09 9.86
C PHE A 251 4.08 -4.51 8.82
N SER A 252 2.97 -3.76 8.72
CA SER A 252 1.83 -4.17 7.90
C SER A 252 1.12 -2.90 7.42
N CSS A 253 0.12 -3.09 6.56
CA CSS A 253 -0.65 -1.99 6.03
CB CSS A 253 0.15 -1.16 5.00
SG CSS A 253 0.73 -2.05 3.55
SD CSS A 253 -0.33 -1.37 1.95
C CSS A 253 -1.93 -2.58 5.51
O CSS A 253 -2.55 -3.40 6.18
N GLY A 254 -2.39 -2.13 4.34
CA GLY A 254 -3.60 -2.71 3.76
C GLY A 254 -3.30 -3.96 2.95
N SER A 255 -2.19 -3.96 2.22
CA SER A 255 -1.93 -5.07 1.29
C SER A 255 -0.44 -5.35 1.15
N GLY A 256 0.35 -4.79 2.05
CA GLY A 256 1.76 -5.11 2.11
C GLY A 256 2.63 -4.36 1.12
N VAL A 257 2.13 -3.27 0.57
CA VAL A 257 2.93 -2.46 -0.34
C VAL A 257 3.54 -1.25 0.38
N THR A 258 2.69 -0.41 0.97
CA THR A 258 3.17 0.78 1.68
C THR A 258 3.98 0.46 2.92
N ALA A 259 3.77 -0.72 3.49
CA ALA A 259 4.49 -1.12 4.70
C ALA A 259 5.97 -1.24 4.41
N CYS A 260 6.27 -1.61 3.16
CA CYS A 260 7.63 -1.78 2.70
C CYS A 260 8.47 -0.50 2.80
N ILE A 261 7.87 0.67 2.64
CA ILE A 261 8.69 1.88 2.89
C ILE A 261 8.98 2.10 4.40
N ASN A 262 8.01 1.78 5.26
CA ASN A 262 8.22 1.85 6.72
C ASN A 262 9.37 0.92 7.12
N ILE A 263 9.38 -0.31 6.58
CA ILE A 263 10.50 -1.26 6.81
C ILE A 263 11.83 -0.75 6.22
N ALA A 264 11.75 -0.18 5.02
CA ALA A 264 12.90 0.40 4.31
C ALA A 264 13.53 1.59 5.06
N LEU A 265 12.69 2.49 5.57
CA LEU A 265 13.20 3.66 6.29
C LEU A 265 13.82 3.28 7.62
N VAL A 266 13.14 2.42 8.36
CA VAL A 266 13.74 1.80 9.55
C VAL A 266 15.13 1.17 9.24
N HIS A 267 15.20 0.34 8.19
CA HIS A 267 16.45 -0.33 7.76
C HIS A 267 17.55 0.72 7.41
N HIS A 268 17.19 1.65 6.54
CA HIS A 268 18.05 2.73 6.08
C HIS A 268 18.63 3.54 7.24
N LEU A 269 17.76 3.96 8.17
CA LEU A 269 18.20 4.74 9.33
C LEU A 269 18.99 3.92 10.36
N GLY A 270 19.19 2.63 10.10
CA GLY A 270 19.95 1.77 11.01
C GLY A 270 19.21 1.26 12.25
N LEU A 271 17.89 1.36 12.24
CA LEU A 271 17.07 0.98 13.40
C LEU A 271 16.63 -0.49 13.44
N GLY A 272 17.11 -1.29 12.48
CA GLY A 272 16.75 -2.71 12.38
C GLY A 272 16.04 -3.08 11.08
N HIS A 273 15.49 -4.29 11.02
CA HIS A 273 14.76 -4.78 9.84
C HIS A 273 13.49 -5.57 10.26
N PRO A 274 12.40 -4.86 10.49
CA PRO A 274 11.16 -5.51 10.96
C PRO A 274 10.62 -6.61 10.03
N TYR A 275 9.90 -7.56 10.61
CA TYR A 275 9.13 -8.53 9.83
C TYR A 275 8.14 -7.81 8.94
N LEU A 276 7.84 -8.41 7.79
CA LEU A 276 6.68 -7.97 7.00
C LEU A 276 5.53 -8.91 7.26
N TYR A 277 4.33 -8.35 7.46
CA TYR A 277 3.13 -9.17 7.33
C TYR A 277 2.47 -8.78 6.00
N CYS A 278 2.77 -9.54 4.94
CA CYS A 278 2.34 -9.14 3.61
C CYS A 278 0.83 -9.14 3.35
N GLY A 279 0.13 -10.18 3.81
CA GLY A 279 -1.32 -10.25 3.59
C GLY A 279 -1.98 -8.99 4.10
N SER A 280 -1.59 -8.56 5.31
CA SER A 280 -1.97 -7.25 5.85
C SER A 280 -3.49 -7.16 6.12
N TRP A 281 -4.04 -5.94 6.20
CA TRP A 281 -5.42 -5.79 6.66
C TRP A 281 -6.44 -6.40 5.69
N SER A 282 -6.15 -6.31 4.39
CA SER A 282 -7.05 -6.92 3.38
C SER A 282 -7.21 -8.40 3.69
N GLU A 283 -6.12 -9.11 3.97
CA GLU A 283 -6.21 -10.53 4.35
C GLU A 283 -6.86 -10.77 5.71
N TYR A 284 -6.29 -10.10 6.70
CA TYR A 284 -6.65 -10.29 8.09
C TYR A 284 -8.15 -10.07 8.27
N SER A 285 -8.63 -8.93 7.81
CA SER A 285 -10.04 -8.58 7.96
C SER A 285 -11.01 -9.49 7.19
N GLY A 286 -10.53 -10.16 6.15
CA GLY A 286 -11.31 -11.16 5.47
C GLY A 286 -11.35 -12.46 6.24
N LEU A 287 -10.19 -12.96 6.67
CA LEU A 287 -10.12 -14.20 7.44
C LEU A 287 -10.86 -14.12 8.77
N PHE A 288 -10.80 -12.97 9.42
CA PHE A 288 -11.40 -12.87 10.73
C PHE A 288 -12.61 -11.95 10.72
N ARG A 289 -13.35 -12.03 9.63
CA ARG A 289 -14.45 -11.09 9.43
C ARG A 289 -15.52 -11.13 10.53
N PRO A 290 -15.98 -12.33 10.95
CA PRO A 290 -17.01 -12.41 12.01
C PRO A 290 -16.68 -11.75 13.34
N PRO A 291 -15.57 -12.09 14.01
CA PRO A 291 -15.26 -11.45 15.30
C PRO A 291 -14.99 -9.97 15.13
N ILE A 292 -14.39 -9.58 14.01
CA ILE A 292 -14.16 -8.16 13.78
C ILE A 292 -15.48 -7.35 13.70
N MSE A 293 -16.46 -7.87 12.97
CA MSE A 293 -17.75 -7.19 12.82
C MSE A 293 -18.48 -7.10 14.16
O MSE A 293 -19.01 -6.04 14.48
CB MSE A 293 -18.62 -7.86 11.76
CG MSE A 293 -18.05 -7.67 10.37
SE MSE A 293 -19.26 -8.26 8.94
CE MSE A 293 -20.51 -6.84 8.99
N ARG A 294 -18.46 -8.18 14.95
CA ARG A 294 -19.05 -8.19 16.28
C ARG A 294 -18.45 -7.16 17.24
N SER A 295 -17.13 -7.02 17.27
CA SER A 295 -16.57 -5.94 18.09
C SER A 295 -16.98 -4.56 17.62
N ILE A 296 -17.07 -4.35 16.31
CA ILE A 296 -17.49 -3.05 15.80
C ILE A 296 -18.94 -2.78 16.17
N ILE A 297 -19.80 -3.78 15.97
CA ILE A 297 -21.20 -3.62 16.34
C ILE A 297 -21.30 -3.38 17.87
N ASP A 298 -20.59 -4.18 18.66
CA ASP A 298 -20.53 -3.94 20.10
C ASP A 298 -19.99 -2.56 20.52
N ASP A 299 -18.84 -2.15 19.99
CA ASP A 299 -18.25 -0.86 20.33
C ASP A 299 -19.08 0.35 19.85
N TYR A 300 -19.59 0.27 18.62
CA TYR A 300 -20.18 1.45 17.98
C TYR A 300 -21.66 1.35 17.63
N GLY A 301 -22.30 0.22 17.93
CA GLY A 301 -23.73 0.11 17.74
C GLY A 301 -24.18 -0.36 16.35
N MSE A 302 -23.22 -0.43 15.42
CA MSE A 302 -23.49 -0.83 14.04
C MSE A 302 -22.17 -1.06 13.29
O MSE A 302 -21.13 -0.51 13.68
CB MSE A 302 -24.28 0.26 13.32
CG MSE A 302 -23.48 1.55 13.17
SE MSE A 302 -24.41 3.04 12.39
CE MSE A 302 -25.28 3.70 13.98
N CYS A 303 -22.21 -1.84 12.22
CA CYS A 303 -21.08 -1.98 11.31
C CYS A 303 -21.61 -1.94 9.88
N MSE A 304 -20.86 -1.32 8.97
CA MSE A 304 -21.32 -1.17 7.58
C MSE A 304 -20.49 -2.02 6.62
O MSE A 304 -19.30 -2.26 6.84
CB MSE A 304 -21.31 0.28 7.11
CG MSE A 304 -21.82 1.27 8.15
SE MSE A 304 -22.32 2.96 7.38
CE MSE A 304 -23.17 3.68 8.90
N GLN A 305 -21.14 -2.51 5.57
CA GLN A 305 -20.41 -3.13 4.48
C GLN A 305 -20.78 -2.36 3.23
N MSE A 306 -19.77 -1.79 2.59
CA MSE A 306 -19.97 -0.92 1.45
C MSE A 306 -20.48 -1.72 0.24
O MSE A 306 -20.02 -2.84 -0.02
CB MSE A 306 -18.69 -0.15 1.11
CG MSE A 306 -18.10 0.67 2.27
SE MSE A 306 -19.41 1.83 3.19
CE MSE A 306 -19.67 3.10 1.73
N GLN A 307 -21.44 -1.15 -0.47
CA GLN A 307 -21.97 -1.75 -1.71
C GLN A 307 -21.41 -1.02 -2.93
N THR A 308 -20.72 0.09 -2.67
CA THR A 308 -20.04 0.88 -3.69
C THR A 308 -18.61 1.01 -3.22
N PRO A 309 -17.75 1.55 -4.05
CA PRO A 309 -16.46 2.08 -3.56
C PRO A 309 -16.72 3.18 -2.54
N SER A 310 -15.72 3.47 -1.73
CA SER A 310 -15.85 4.47 -0.70
C SER A 310 -15.50 5.81 -1.30
N LEU A 311 -16.19 6.84 -0.86
CA LEU A 311 -16.16 8.12 -1.52
C LEU A 311 -15.95 9.19 -0.46
N GLY A 312 -14.98 8.94 0.41
CA GLY A 312 -14.67 9.82 1.53
C GLY A 312 -14.40 11.27 1.19
N ASP A 313 -13.97 11.54 -0.04
CA ASP A 313 -13.77 12.91 -0.50
C ASP A 313 -15.05 13.60 -1.05
N ASN A 314 -16.15 12.84 -1.17
CA ASN A 314 -17.41 13.41 -1.64
C ASN A 314 -18.10 14.11 -0.48
N PRO A 315 -19.10 14.95 -0.77
CA PRO A 315 -19.86 15.61 0.30
C PRO A 315 -20.55 14.60 1.23
N LYS A 316 -20.54 14.88 2.52
CA LYS A 316 -21.30 14.08 3.49
C LYS A 316 -22.78 14.07 3.12
N ALA A 317 -23.47 12.98 3.43
CA ALA A 317 -24.94 12.96 3.33
C ALA A 317 -25.51 14.11 4.16
N ASN A 318 -26.49 14.81 3.59
CA ASN A 318 -27.21 15.84 4.32
C ASN A 318 -28.67 15.67 4.04
N LEU A 319 -29.40 15.28 5.08
CA LEU A 319 -30.83 14.99 4.97
C LEU A 319 -31.70 16.23 4.73
N ASP A 320 -31.14 17.43 4.91
CA ASP A 320 -31.87 18.66 4.56
C ASP A 320 -31.92 18.90 3.06
N THR A 321 -30.97 18.32 2.32
CA THR A 321 -30.88 18.59 0.89
C THR A 321 -31.00 17.33 0.06
N MSE A 322 -31.15 16.20 0.72
CA MSE A 322 -31.10 14.92 0.04
C MSE A 322 -32.14 13.96 0.58
O MSE A 322 -32.32 13.87 1.79
CB MSE A 322 -29.74 14.27 0.24
CG MSE A 322 -28.57 15.05 -0.32
SE MSE A 322 -26.89 14.18 0.17
CE MSE A 322 -25.78 15.81 0.37
N THR A 323 -32.80 13.22 -0.31
CA THR A 323 -33.51 12.04 0.14
C THR A 323 -32.79 10.75 -0.21
N LEU A 324 -32.62 9.93 0.82
CA LEU A 324 -31.86 8.68 0.74
C LEU A 324 -32.72 7.64 0.09
N LYS A 325 -32.05 6.69 -0.52
CA LYS A 325 -32.69 5.46 -0.95
C LYS A 325 -32.43 4.42 0.13
N VAL A 326 -33.51 3.96 0.76
CA VAL A 326 -33.42 2.99 1.84
C VAL A 326 -34.06 1.71 1.38
N ASP A 327 -33.28 0.63 1.46
CA ASP A 327 -33.66 -0.67 0.92
C ASP A 327 -34.18 -0.58 -0.52
N GLY A 328 -33.58 0.32 -1.29
CA GLY A 328 -33.85 0.44 -2.72
C GLY A 328 -35.02 1.31 -3.17
N ALA A 329 -35.50 2.17 -2.27
CA ALA A 329 -36.59 3.10 -2.59
C ALA A 329 -36.36 4.44 -1.92
N PRO A 330 -36.66 5.54 -2.61
CA PRO A 330 -36.54 6.88 -2.02
C PRO A 330 -37.30 6.90 -0.70
N CSS A 331 -36.69 7.50 0.31
CA CSS A 331 -37.22 7.40 1.65
CB CSS A 331 -36.36 6.40 2.43
SG CSS A 331 -36.73 6.51 4.15
SD CSS A 331 -38.30 5.32 4.51
C CSS A 331 -37.25 8.77 2.26
O CSS A 331 -36.25 9.32 2.67
N GLU A 332 -38.45 9.33 2.27
CA GLU A 332 -38.65 10.66 2.85
C GLU A 332 -38.84 10.57 4.36
N ARG A 333 -39.19 9.38 4.86
CA ARG A 333 -39.35 9.18 6.31
C ARG A 333 -38.27 8.29 6.98
N PRO A 334 -36.99 8.66 6.95
CA PRO A 334 -35.96 7.79 7.55
C PRO A 334 -36.06 7.84 9.07
N ASP A 335 -36.26 6.69 9.73
CA ASP A 335 -36.25 6.65 11.20
C ASP A 335 -34.87 7.04 11.76
N ALA A 336 -34.79 7.13 13.09
CA ALA A 336 -33.59 7.62 13.78
C ALA A 336 -32.31 6.80 13.55
N GLU A 337 -32.43 5.48 13.50
CA GLU A 337 -31.33 4.58 13.16
C GLU A 337 -30.71 4.86 11.78
N VAL A 338 -31.56 4.94 10.75
CA VAL A 338 -31.12 5.22 9.39
C VAL A 338 -30.47 6.60 9.34
N GLN A 339 -31.13 7.58 9.96
CA GLN A 339 -30.57 8.93 10.05
C GLN A 339 -29.18 8.94 10.70
N SER A 340 -29.01 8.21 11.79
CA SER A 340 -27.68 8.06 12.43
C SER A 340 -26.62 7.46 11.51
N ALA A 341 -26.99 6.37 10.85
CA ALA A 341 -26.09 5.68 9.93
C ALA A 341 -25.66 6.64 8.82
N ALA A 342 -26.63 7.40 8.30
CA ALA A 342 -26.38 8.31 7.19
C ALA A 342 -25.38 9.40 7.52
N THR A 343 -25.21 9.76 8.80
CA THR A 343 -24.18 10.74 9.16
C THR A 343 -22.76 10.26 8.84
N HIS A 344 -22.61 8.96 8.58
CA HIS A 344 -21.29 8.39 8.27
C HIS A 344 -21.08 8.19 6.77
N LEU A 345 -22.07 8.54 5.97
CA LEU A 345 -22.00 8.27 4.53
C LEU A 345 -21.78 9.51 3.67
N HIS A 346 -21.38 9.27 2.42
CA HIS A 346 -21.10 10.35 1.47
C HIS A 346 -21.89 10.19 0.18
N ALA A 347 -22.06 11.32 -0.50
CA ALA A 347 -22.74 11.41 -1.78
C ALA A 347 -22.21 10.35 -2.71
N GLY A 348 -23.12 9.52 -3.21
CA GLY A 348 -22.78 8.45 -4.12
C GLY A 348 -22.58 7.09 -3.48
N GLU A 349 -22.47 7.02 -2.16
CA GLU A 349 -22.19 5.74 -1.50
C GLU A 349 -23.46 4.95 -1.23
N ALA A 350 -23.31 3.63 -1.17
CA ALA A 350 -24.35 2.77 -0.67
C ALA A 350 -23.70 1.77 0.27
N ALA A 351 -24.44 1.36 1.31
CA ALA A 351 -23.86 0.49 2.34
C ALA A 351 -24.96 -0.30 2.99
N THR A 352 -24.66 -1.54 3.35
CA THR A 352 -25.56 -2.34 4.17
C THR A 352 -25.13 -2.14 5.60
N VAL A 353 -26.09 -1.75 6.43
CA VAL A 353 -25.80 -1.45 7.82
C VAL A 353 -26.40 -2.53 8.72
N TYR A 354 -25.55 -3.10 9.56
CA TYR A 354 -25.92 -4.08 10.56
C TYR A 354 -25.97 -3.41 11.91
N PHE A 355 -27.16 -3.23 12.45
CA PHE A 355 -27.34 -2.60 13.76
C PHE A 355 -27.29 -3.59 14.93
N LYS A 356 -26.82 -3.14 16.09
CA LYS A 356 -26.76 -4.01 17.29
C LYS A 356 -28.11 -4.71 17.60
N SER A 357 -29.23 -4.05 17.30
CA SER A 357 -30.56 -4.64 17.44
C SER A 357 -30.81 -5.92 16.62
N GLY A 358 -30.08 -6.09 15.53
CA GLY A 358 -30.37 -7.19 14.62
C GLY A 358 -30.96 -6.68 13.32
N ARG A 359 -31.34 -5.41 13.31
CA ARG A 359 -31.81 -4.72 12.11
C ARG A 359 -30.72 -4.57 11.04
N VAL A 360 -31.11 -4.84 9.79
CA VAL A 360 -30.25 -4.74 8.61
C VAL A 360 -30.98 -3.88 7.57
N VAL A 361 -30.30 -2.84 7.08
CA VAL A 361 -30.85 -1.90 6.11
C VAL A 361 -29.79 -1.50 5.11
N THR A 362 -30.21 -1.30 3.86
CA THR A 362 -29.32 -0.71 2.85
C THR A 362 -29.66 0.76 2.67
N ILE A 363 -28.63 1.59 2.65
CA ILE A 363 -28.80 3.02 2.52
C ILE A 363 -27.95 3.51 1.35
N GLU A 364 -28.55 4.30 0.47
CA GLU A 364 -27.80 4.89 -0.62
C GLU A 364 -28.01 6.41 -0.64
N VAL A 365 -26.90 7.13 -0.76
CA VAL A 365 -26.91 8.58 -0.80
C VAL A 365 -26.81 9.04 -2.27
N PRO A 366 -27.71 9.94 -2.69
CA PRO A 366 -27.69 10.44 -4.08
C PRO A 366 -26.37 11.16 -4.38
N VAL A 367 -25.96 11.09 -5.64
CA VAL A 367 -24.67 11.65 -6.06
C VAL A 367 -24.63 13.15 -5.87
N VAL A 368 -25.82 13.77 -5.84
CA VAL A 368 -25.96 15.22 -5.72
C VAL A 368 -27.29 15.54 -4.96
N PRO A 369 -27.41 16.70 -4.30
CA PRO A 369 -28.68 17.03 -3.63
C PRO A 369 -29.87 16.87 -4.59
N ASN A 370 -30.91 16.22 -4.12
CA ASN A 370 -32.01 15.75 -4.97
C ASN A 370 -33.39 16.03 -4.42
N LEU A 371 -33.45 16.75 -3.30
CA LEU A 371 -34.72 17.14 -2.70
C LEU A 371 -35.29 18.29 -3.51
N GLU A 372 -36.59 18.24 -3.81
CA GLU A 372 -37.30 19.35 -4.47
C GLU A 372 -36.98 20.67 -3.76
N ALA A 373 -37.59 20.89 -2.59
CA ALA A 373 -37.32 22.07 -1.77
C ALA A 373 -35.88 22.09 -1.24
CA CA B . -14.61 1.92 22.29
S SO3 C . -3.40 -0.10 0.18
O1 SO3 C . -2.97 -0.29 1.56
O2 SO3 C . -2.23 -0.17 -0.72
O3 SO3 C . -4.28 -1.19 -0.18
#